data_7UMC
#
_entry.id   7UMC
#
_entity_poly.entity_id   1
_entity_poly.type   'polyribonucleotide'
_entity_poly.pdbx_seq_one_letter_code
;GGAGUGGUUAGUCUACGUGGACCGACAAGACUUCGGUCGAAUCGGAAGGAAACUUAACGUAGUUCUAACC
;
_entity_poly.pdbx_strand_id   A
#